data_3GLV
#
_entry.id   3GLV
#
_cell.length_a   62.391
_cell.length_b   67.187
_cell.length_c   99.032
_cell.angle_alpha   90.00
_cell.angle_beta   90.00
_cell.angle_gamma   90.00
#
_symmetry.space_group_name_H-M   'P 21 21 21'
#
loop_
_entity.id
_entity.type
_entity.pdbx_description
1 polymer 'Lipopolysaccharide core biosynthesis protein'
2 non-polymer 'SULFATE ION'
3 non-polymer 'ADENOSINE MONOPHOSPHATE'
4 water water
#
_entity_poly.entity_id   1
_entity_poly.type   'polypeptide(L)'
_entity_poly.pdbx_seq_one_letter_code
;GMIRVMATGVFDILHLGHIHYLKESKKLGDELVVVVARDSTARNNGKIPIFDENSRLALISELKVVDRAILGHEGDMMKT
VIEVKPDIITLGYDQKFDEAELQSKINKLGITVKIVRISKYDGQLNSSSSVRKKIMELIGERY
;
_entity_poly.pdbx_strand_id   A,B
#
loop_
_chem_comp.id
_chem_comp.type
_chem_comp.name
_chem_comp.formula
AMP non-polymer 'ADENOSINE MONOPHOSPHATE' 'C10 H14 N5 O7 P'
SO4 non-polymer 'SULFATE ION' 'O4 S -2'
#
# COMPACT_ATOMS: atom_id res chain seq x y z
N GLY A 1 22.49 -9.14 15.51
CA GLY A 1 22.50 -9.50 14.10
C GLY A 1 21.18 -9.14 13.47
N MET A 2 21.21 -8.33 12.43
CA MET A 2 20.05 -7.79 11.74
C MET A 2 19.76 -8.52 10.44
N ILE A 3 18.83 -9.44 10.47
CA ILE A 3 18.59 -10.37 9.39
C ILE A 3 17.93 -9.68 8.23
N ARG A 4 18.53 -9.84 7.05
CA ARG A 4 18.03 -9.20 5.85
C ARG A 4 17.28 -10.21 4.99
N VAL A 5 16.00 -9.89 4.70
CA VAL A 5 15.09 -10.73 3.90
C VAL A 5 14.90 -9.99 2.56
N MET A 6 15.03 -10.73 1.47
CA MET A 6 14.76 -10.24 0.10
C MET A 6 13.55 -10.94 -0.45
N ALA A 7 12.60 -10.10 -0.87
CA ALA A 7 11.38 -10.52 -1.60
C ALA A 7 11.40 -9.90 -3.00
N THR A 8 10.69 -10.54 -3.94
CA THR A 8 10.69 -10.06 -5.33
C THR A 8 9.26 -10.09 -5.92
N GLY A 9 9.02 -9.37 -7.01
CA GLY A 9 7.72 -9.42 -7.70
C GLY A 9 7.60 -8.23 -8.64
N VAL A 10 6.50 -8.23 -9.40
CA VAL A 10 6.12 -7.13 -10.25
C VAL A 10 5.35 -6.09 -9.46
N PHE A 11 4.37 -6.53 -8.65
CA PHE A 11 3.52 -5.66 -7.84
C PHE A 11 2.82 -4.62 -8.69
N ASP A 12 2.15 -5.07 -9.75
CA ASP A 12 1.50 -4.14 -10.68
C ASP A 12 0.28 -3.47 -10.02
N ILE A 13 -0.71 -4.28 -9.69
CA ILE A 13 -1.88 -3.80 -8.95
C ILE A 13 -1.80 -4.39 -7.58
N LEU A 14 -1.62 -3.56 -6.55
CA LEU A 14 -1.42 -4.11 -5.19
C LEU A 14 -2.68 -4.78 -4.71
N HIS A 15 -2.50 -5.95 -4.11
CA HIS A 15 -3.61 -6.64 -3.50
C HIS A 15 -3.18 -7.41 -2.24
N LEU A 16 -4.12 -8.04 -1.56
CA LEU A 16 -3.84 -8.61 -0.26
C LEU A 16 -2.93 -9.85 -0.32
N GLY A 17 -2.84 -10.48 -1.49
CA GLY A 17 -1.85 -11.55 -1.73
C GLY A 17 -0.42 -11.03 -1.63
N HIS A 18 -0.20 -9.84 -2.19
CA HIS A 18 1.06 -9.22 -2.10
C HIS A 18 1.31 -8.91 -0.63
N ILE A 19 0.35 -8.30 0.04
CA ILE A 19 0.50 -7.94 1.43
C ILE A 19 0.87 -9.18 2.26
N HIS A 20 0.21 -10.32 2.01
CA HIS A 20 0.55 -11.53 2.83
C HIS A 20 2.02 -11.93 2.52
N TYR A 21 2.44 -11.90 1.27
CA TYR A 21 3.80 -12.26 0.93
C TYR A 21 4.82 -11.36 1.62
N LEU A 22 4.64 -10.06 1.49
CA LEU A 22 5.52 -9.10 2.08
C LEU A 22 5.51 -9.15 3.63
N LYS A 23 4.35 -9.13 4.23
CA LYS A 23 4.21 -9.16 5.68
C LYS A 23 4.83 -10.38 6.29
N GLU A 24 4.60 -11.54 5.67
CA GLU A 24 5.15 -12.78 6.24
C GLU A 24 6.68 -12.79 6.01
N SER A 25 7.15 -12.19 4.90
CA SER A 25 8.57 -12.14 4.67
C SER A 25 9.21 -11.31 5.77
N LYS A 26 8.61 -10.15 6.10
CA LYS A 26 9.16 -9.24 7.10
C LYS A 26 9.28 -9.94 8.45
N LYS A 27 8.31 -10.79 8.76
CA LYS A 27 8.30 -11.49 10.03
C LYS A 27 9.56 -12.34 10.21
N LEU A 28 10.24 -12.69 9.13
CA LEU A 28 11.35 -13.64 9.25
C LEU A 28 12.68 -12.94 9.62
N GLY A 29 12.71 -11.62 9.62
CA GLY A 29 13.95 -10.92 9.90
C GLY A 29 13.73 -9.52 10.43
N ASP A 30 14.68 -8.64 10.14
CA ASP A 30 14.68 -7.27 10.67
C ASP A 30 14.60 -6.21 9.63
N GLU A 31 15.04 -6.53 8.42
CA GLU A 31 14.97 -5.61 7.31
C GLU A 31 14.36 -6.37 6.10
N LEU A 32 13.30 -5.83 5.52
CA LEU A 32 12.76 -6.31 4.27
C LEU A 32 13.15 -5.42 3.10
N VAL A 33 13.91 -6.01 2.14
CA VAL A 33 14.26 -5.40 0.87
C VAL A 33 13.39 -6.05 -0.15
N VAL A 34 12.65 -5.22 -0.89
CA VAL A 34 11.84 -5.74 -1.99
C VAL A 34 12.43 -5.39 -3.32
N VAL A 35 12.57 -6.41 -4.18
CA VAL A 35 13.12 -6.15 -5.51
C VAL A 35 11.99 -6.21 -6.54
N VAL A 36 11.75 -5.07 -7.17
CA VAL A 36 10.61 -4.82 -8.03
C VAL A 36 11.04 -5.00 -9.51
N ALA A 37 10.35 -5.86 -10.27
CA ALA A 37 10.76 -6.15 -11.65
C ALA A 37 10.69 -4.91 -12.55
N ARG A 38 11.73 -4.70 -13.35
CA ARG A 38 11.71 -3.73 -14.43
C ARG A 38 10.60 -4.07 -15.41
N ASP A 39 10.14 -3.05 -16.10
CA ASP A 39 9.14 -3.23 -17.14
C ASP A 39 9.57 -4.20 -18.25
N SER A 40 10.84 -4.16 -18.68
CA SER A 40 11.31 -5.13 -19.70
C SER A 40 11.22 -6.58 -19.21
N THR A 41 11.74 -6.82 -18.01
CA THR A 41 11.68 -8.14 -17.41
C THR A 41 10.24 -8.67 -17.33
N ALA A 42 9.33 -7.88 -16.74
CA ALA A 42 7.93 -8.31 -16.69
C ALA A 42 7.37 -8.62 -18.10
N ARG A 43 7.59 -7.71 -19.03
CA ARG A 43 7.16 -7.94 -20.41
C ARG A 43 7.73 -9.24 -20.97
N ASN A 44 9.03 -9.46 -20.75
CA ASN A 44 9.70 -10.63 -21.32
C ASN A 44 9.20 -11.89 -20.70
N ASN A 45 8.70 -11.80 -19.48
CA ASN A 45 8.06 -12.96 -18.83
C ASN A 45 6.56 -12.99 -19.12
N GLY A 46 6.14 -12.30 -20.19
CA GLY A 46 4.75 -12.33 -20.60
C GLY A 46 3.73 -11.79 -19.60
N LYS A 47 4.10 -10.80 -18.81
CA LYS A 47 3.11 -10.10 -18.02
C LYS A 47 3.32 -8.62 -18.15
N ILE A 48 2.64 -8.01 -19.12
CA ILE A 48 2.73 -6.58 -19.35
C ILE A 48 2.10 -5.85 -18.15
N PRO A 49 2.87 -5.04 -17.42
CA PRO A 49 2.18 -4.33 -16.32
C PRO A 49 1.57 -2.99 -16.79
N ILE A 50 0.45 -2.59 -16.21
CA ILE A 50 -0.22 -1.34 -16.57
C ILE A 50 0.42 -0.09 -15.92
N PHE A 51 1.07 -0.30 -14.77
CA PHE A 51 1.84 0.77 -14.11
C PHE A 51 3.32 0.65 -14.46
N ASP A 52 3.99 1.77 -14.70
CA ASP A 52 5.42 1.75 -15.09
C ASP A 52 6.28 1.43 -13.86
N GLU A 53 7.54 1.08 -14.10
CA GLU A 53 8.40 0.51 -13.06
C GLU A 53 8.68 1.45 -11.93
N ASN A 54 8.83 2.75 -12.20
CA ASN A 54 9.08 3.71 -11.14
C ASN A 54 7.85 3.89 -10.26
N SER A 55 6.68 3.89 -10.88
CA SER A 55 5.44 3.94 -10.11
C SER A 55 5.30 2.72 -9.23
N ARG A 56 5.56 1.54 -9.78
CA ARG A 56 5.35 0.33 -8.98
C ARG A 56 6.29 0.32 -7.79
N LEU A 57 7.55 0.69 -8.02
CA LEU A 57 8.57 0.73 -6.97
C LEU A 57 8.16 1.71 -5.87
N ALA A 58 7.79 2.94 -6.26
CA ALA A 58 7.37 3.99 -5.31
C ALA A 58 6.19 3.57 -4.44
N LEU A 59 5.20 2.90 -5.04
CA LEU A 59 4.06 2.47 -4.25
C LEU A 59 4.49 1.41 -3.26
N ILE A 60 5.23 0.40 -3.70
CA ILE A 60 5.73 -0.66 -2.76
C ILE A 60 6.48 -0.04 -1.55
N SER A 61 7.22 1.04 -1.79
CA SER A 61 8.02 1.72 -0.76
C SER A 61 7.12 2.36 0.33
N GLU A 62 5.84 2.48 0.05
CA GLU A 62 4.95 3.17 0.99
C GLU A 62 4.35 2.22 1.99
N LEU A 63 4.64 0.93 1.87
CA LEU A 63 4.12 -0.07 2.82
C LEU A 63 4.88 -0.16 4.12
N LYS A 64 4.13 -0.21 5.22
CA LYS A 64 4.74 -0.26 6.56
C LYS A 64 5.84 -1.31 6.62
N VAL A 65 5.58 -2.50 6.06
CA VAL A 65 6.47 -3.62 6.26
C VAL A 65 7.72 -3.57 5.39
N VAL A 66 7.79 -2.64 4.42
CA VAL A 66 8.90 -2.56 3.53
C VAL A 66 9.94 -1.56 3.99
N ASP A 67 11.15 -2.07 4.24
CA ASP A 67 12.23 -1.16 4.64
C ASP A 67 12.89 -0.50 3.46
N ARG A 68 13.15 -1.28 2.40
CA ARG A 68 13.81 -0.76 1.19
C ARG A 68 13.29 -1.44 -0.05
N ALA A 69 13.19 -0.67 -1.13
CA ALA A 69 12.77 -1.21 -2.40
C ALA A 69 13.68 -0.75 -3.49
N ILE A 70 14.02 -1.69 -4.35
CA ILE A 70 14.86 -1.43 -5.49
C ILE A 70 14.40 -2.10 -6.77
N LEU A 71 14.82 -1.52 -7.87
CA LEU A 71 14.57 -2.15 -9.17
C LEU A 71 15.52 -3.35 -9.36
N GLY A 72 15.02 -4.41 -9.94
CA GLY A 72 15.84 -5.56 -10.24
C GLY A 72 16.72 -5.40 -11.47
N HIS A 73 17.42 -6.45 -11.81
CA HIS A 73 18.34 -6.44 -12.93
C HIS A 73 17.80 -7.18 -14.11
N GLU A 74 17.78 -6.44 -15.18
CA GLU A 74 17.13 -6.72 -16.42
C GLU A 74 17.03 -8.16 -16.92
N GLY A 75 17.88 -9.06 -16.46
CA GLY A 75 17.72 -10.45 -16.81
C GLY A 75 18.80 -11.28 -16.17
N ASP A 76 19.01 -11.03 -14.89
CA ASP A 76 20.20 -11.50 -14.19
C ASP A 76 19.94 -11.43 -12.69
N MET A 77 19.28 -12.48 -12.18
CA MET A 77 18.84 -12.48 -10.78
C MET A 77 20.01 -12.58 -9.80
N MET A 78 20.99 -13.43 -10.14
CA MET A 78 22.12 -13.62 -9.26
C MET A 78 22.87 -12.31 -9.09
N LYS A 79 22.91 -11.45 -10.11
CA LYS A 79 23.51 -10.13 -9.90
C LYS A 79 22.79 -9.31 -8.81
N THR A 80 21.47 -9.36 -8.79
CA THR A 80 20.75 -8.75 -7.69
C THR A 80 21.11 -9.40 -6.33
N VAL A 81 21.18 -10.72 -6.26
CA VAL A 81 21.43 -11.34 -4.99
C VAL A 81 22.84 -10.97 -4.43
N ILE A 82 23.83 -10.99 -5.32
CA ILE A 82 25.18 -10.53 -5.04
C ILE A 82 25.23 -9.07 -4.59
N GLU A 83 24.31 -8.23 -5.04
CA GLU A 83 24.35 -6.82 -4.62
C GLU A 83 23.57 -6.53 -3.35
N VAL A 84 22.43 -7.19 -3.19
CA VAL A 84 21.62 -7.05 -1.98
C VAL A 84 22.17 -7.89 -0.79
N LYS A 85 22.72 -9.05 -1.06
CA LYS A 85 23.38 -9.83 -0.02
C LYS A 85 22.37 -10.13 1.11
N PRO A 86 21.23 -10.67 0.75
CA PRO A 86 20.23 -11.01 1.76
C PRO A 86 20.67 -12.21 2.60
N ASP A 87 20.16 -12.33 3.83
CA ASP A 87 20.31 -13.60 4.60
C ASP A 87 19.26 -14.63 4.15
N ILE A 88 18.11 -14.12 3.74
CA ILE A 88 16.96 -14.96 3.36
C ILE A 88 16.31 -14.44 2.14
N ILE A 89 16.00 -15.38 1.24
CA ILE A 89 15.24 -15.10 0.06
C ILE A 89 13.91 -15.80 0.19
N THR A 90 12.88 -15.01 -0.03
CA THR A 90 11.51 -15.44 0.13
C THR A 90 10.82 -15.75 -1.22
N LEU A 91 10.23 -16.94 -1.33
CA LEU A 91 9.37 -17.31 -2.49
C LEU A 91 7.88 -17.58 -2.08
N GLY A 92 6.96 -17.44 -3.02
CA GLY A 92 5.55 -17.81 -2.84
C GLY A 92 5.38 -19.31 -2.56
N TYR A 93 4.29 -19.70 -1.93
CA TYR A 93 4.01 -21.13 -1.56
C TYR A 93 4.07 -22.16 -2.73
N ASP A 94 3.61 -21.67 -3.89
CA ASP A 94 3.48 -22.44 -5.11
C ASP A 94 4.85 -22.73 -5.80
N GLN A 95 5.94 -22.07 -5.35
CA GLN A 95 7.17 -22.01 -6.14
C GLN A 95 8.27 -23.01 -5.76
N LYS A 96 7.95 -24.29 -5.64
CA LYS A 96 8.94 -25.28 -5.23
C LYS A 96 9.99 -25.53 -6.32
N PHE A 97 9.59 -25.27 -7.57
CA PHE A 97 10.49 -25.48 -8.68
C PHE A 97 11.53 -24.38 -8.66
N ASP A 98 11.09 -23.12 -8.59
CA ASP A 98 12.01 -22.01 -8.48
C ASP A 98 12.91 -22.18 -7.24
N GLU A 99 12.35 -22.75 -6.17
CA GLU A 99 13.09 -22.97 -4.93
C GLU A 99 14.28 -23.90 -5.15
N ALA A 100 14.03 -25.05 -5.76
CA ALA A 100 15.07 -26.03 -6.05
C ALA A 100 16.14 -25.45 -6.98
N GLU A 101 15.71 -24.72 -8.00
CA GLU A 101 16.64 -24.12 -8.96
C GLU A 101 17.56 -23.09 -8.30
N LEU A 102 16.97 -22.24 -7.45
CA LEU A 102 17.74 -21.23 -6.74
C LEU A 102 18.71 -21.90 -5.74
N GLN A 103 18.25 -22.98 -5.11
CA GLN A 103 19.06 -23.71 -4.18
C GLN A 103 20.30 -24.29 -4.87
N SER A 104 20.17 -24.87 -6.07
CA SER A 104 21.35 -25.41 -6.79
C SER A 104 22.36 -24.30 -7.09
N LYS A 105 21.86 -23.13 -7.49
CA LYS A 105 22.77 -21.99 -7.74
C LYS A 105 23.58 -21.60 -6.49
N ILE A 106 22.87 -21.47 -5.36
CA ILE A 106 23.44 -21.17 -4.06
C ILE A 106 24.51 -22.17 -3.69
N ASN A 107 24.16 -23.45 -3.80
CA ASN A 107 25.03 -24.53 -3.42
C ASN A 107 26.30 -24.55 -4.28
N LYS A 108 26.19 -24.39 -5.60
CA LYS A 108 27.37 -24.42 -6.45
C LYS A 108 28.34 -23.31 -6.04
N LEU A 109 27.80 -22.13 -5.78
CA LEU A 109 28.62 -20.96 -5.48
C LEU A 109 29.13 -21.01 -4.03
N GLY A 110 28.37 -21.67 -3.14
CA GLY A 110 28.75 -21.83 -1.72
C GLY A 110 28.49 -20.57 -0.88
N ILE A 111 27.54 -19.76 -1.28
CA ILE A 111 27.18 -18.56 -0.52
C ILE A 111 26.24 -18.99 0.58
N THR A 112 26.13 -18.18 1.62
CA THR A 112 25.21 -18.45 2.74
C THR A 112 23.95 -17.64 2.57
N VAL A 113 22.90 -18.29 2.12
CA VAL A 113 21.62 -17.61 1.85
C VAL A 113 20.56 -18.68 2.02
N LYS A 114 19.52 -18.40 2.79
CA LYS A 114 18.47 -19.39 3.09
C LYS A 114 17.27 -19.04 2.22
N ILE A 115 16.66 -20.06 1.63
CA ILE A 115 15.46 -19.87 0.84
C ILE A 115 14.27 -20.29 1.70
N VAL A 116 13.23 -19.45 1.77
CA VAL A 116 12.01 -19.79 2.53
C VAL A 116 10.76 -19.60 1.69
N ARG A 117 9.93 -20.65 1.57
CA ARG A 117 8.62 -20.46 0.95
C ARG A 117 7.63 -19.88 1.97
N ILE A 118 6.90 -18.83 1.57
CA ILE A 118 5.84 -18.26 2.38
C ILE A 118 4.56 -19.08 2.33
N SER A 119 3.80 -19.08 3.42
CA SER A 119 2.54 -19.86 3.51
C SER A 119 1.53 -19.41 2.45
N LYS A 120 0.66 -20.33 2.07
CA LYS A 120 -0.37 -20.03 1.05
C LYS A 120 -1.32 -18.95 1.58
N TYR A 121 -1.60 -17.91 0.81
CA TYR A 121 -2.56 -16.90 1.26
C TYR A 121 -4.01 -17.46 1.18
N ASP A 122 -4.91 -17.09 2.08
CA ASP A 122 -6.36 -17.42 1.91
C ASP A 122 -7.14 -16.39 1.09
N GLY B 1 -5.19 14.86 23.08
CA GLY B 1 -3.96 15.71 22.92
C GLY B 1 -3.13 15.49 21.64
N MET B 2 -3.77 15.49 20.48
CA MET B 2 -3.07 15.45 19.20
C MET B 2 -3.99 15.94 18.08
N ILE B 3 -3.41 16.42 16.99
CA ILE B 3 -4.18 16.95 15.88
C ILE B 3 -4.54 15.76 15.03
N ARG B 4 -5.84 15.55 14.91
CA ARG B 4 -6.35 14.45 14.18
C ARG B 4 -6.89 14.89 12.80
N VAL B 5 -6.42 14.23 11.75
CA VAL B 5 -6.74 14.56 10.35
C VAL B 5 -7.56 13.44 9.76
N MET B 6 -8.71 13.79 9.18
CA MET B 6 -9.61 12.78 8.53
C MET B 6 -9.57 12.98 7.04
N ALA B 7 -9.23 11.92 6.33
CA ALA B 7 -9.27 11.82 4.88
C ALA B 7 -10.25 10.72 4.50
N THR B 8 -10.76 10.75 3.25
CA THR B 8 -11.81 9.80 2.80
C THR B 8 -11.60 9.37 1.38
N GLY B 9 -12.23 8.27 0.99
CA GLY B 9 -12.23 7.91 -0.42
C GLY B 9 -12.59 6.45 -0.59
N VAL B 10 -12.50 5.96 -1.82
CA VAL B 10 -12.82 4.56 -2.11
C VAL B 10 -11.56 3.71 -2.05
N PHE B 11 -10.47 4.19 -2.66
CA PHE B 11 -9.15 3.49 -2.71
C PHE B 11 -9.25 2.08 -3.28
N ASP B 12 -9.85 1.97 -4.45
CA ASP B 12 -10.02 0.68 -5.12
C ASP B 12 -8.67 0.18 -5.70
N ILE B 13 -8.12 0.91 -6.66
CA ILE B 13 -6.77 0.62 -7.22
C ILE B 13 -5.80 1.65 -6.66
N LEU B 14 -4.95 1.23 -5.72
CA LEU B 14 -4.03 2.14 -5.08
C LEU B 14 -3.03 2.69 -6.12
N HIS B 15 -2.75 3.96 -6.00
CA HIS B 15 -1.86 4.61 -6.93
C HIS B 15 -1.24 5.85 -6.29
N LEU B 16 -0.21 6.38 -6.90
CA LEU B 16 0.56 7.43 -6.28
C LEU B 16 -0.23 8.68 -6.04
N GLY B 17 -1.26 8.93 -6.81
CA GLY B 17 -2.19 10.04 -6.52
C GLY B 17 -2.85 9.92 -5.13
N HIS B 18 -3.20 8.69 -4.74
CA HIS B 18 -3.70 8.43 -3.39
C HIS B 18 -2.67 8.78 -2.34
N ILE B 19 -1.43 8.32 -2.58
CA ILE B 19 -0.34 8.54 -1.70
C ILE B 19 -0.12 10.05 -1.56
N HIS B 20 -0.14 10.77 -2.67
CA HIS B 20 -0.04 12.25 -2.56
C HIS B 20 -1.16 12.83 -1.66
N TYR B 21 -2.41 12.41 -1.87
CA TYR B 21 -3.52 12.91 -1.07
C TYR B 21 -3.29 12.56 0.40
N LEU B 22 -2.92 11.31 0.71
CA LEU B 22 -2.77 10.89 2.10
C LEU B 22 -1.58 11.57 2.79
N LYS B 23 -0.44 11.72 2.09
CA LYS B 23 0.74 12.32 2.70
C LYS B 23 0.55 13.79 2.94
N GLU B 24 -0.06 14.47 2.00
CA GLU B 24 -0.37 15.90 2.20
C GLU B 24 -1.35 16.08 3.37
N SER B 25 -2.18 15.05 3.62
CA SER B 25 -3.16 15.13 4.70
C SER B 25 -2.45 14.95 6.06
N LYS B 26 -1.57 13.94 6.12
CA LYS B 26 -0.79 13.63 7.31
C LYS B 26 0.08 14.83 7.72
N LYS B 27 0.62 15.54 6.76
CA LYS B 27 1.44 16.70 7.10
C LYS B 27 0.73 17.72 7.95
N LEU B 28 -0.57 17.79 7.86
CA LEU B 28 -1.35 18.81 8.53
C LEU B 28 -1.54 18.56 10.01
N GLY B 29 -1.23 17.37 10.48
CA GLY B 29 -1.44 17.09 11.89
C GLY B 29 -0.50 16.03 12.43
N ASP B 30 -0.98 15.22 13.39
CA ASP B 30 -0.21 14.15 14.06
C ASP B 30 -0.74 12.78 13.71
N GLU B 31 -2.02 12.67 13.56
CA GLU B 31 -2.64 11.36 13.32
C GLU B 31 -3.55 11.41 12.06
N LEU B 32 -3.46 10.41 11.18
CA LEU B 32 -4.27 10.32 9.97
C LEU B 32 -5.18 9.16 10.09
N VAL B 33 -6.46 9.47 10.05
CA VAL B 33 -7.53 8.54 10.07
C VAL B 33 -8.16 8.58 8.69
N VAL B 34 -8.24 7.40 8.05
CA VAL B 34 -8.76 7.33 6.70
C VAL B 34 -10.10 6.65 6.74
N VAL B 35 -11.13 7.28 6.16
CA VAL B 35 -12.47 6.64 6.11
C VAL B 35 -12.67 6.10 4.69
N VAL B 36 -12.79 4.77 4.60
CA VAL B 36 -12.89 4.06 3.36
C VAL B 36 -14.35 3.78 3.05
N ALA B 37 -14.79 4.19 1.84
CA ALA B 37 -16.18 4.11 1.43
C ALA B 37 -16.67 2.65 1.44
N ARG B 38 -17.90 2.46 1.92
CA ARG B 38 -18.54 1.16 1.77
C ARG B 38 -18.83 0.89 0.33
N ASP B 39 -18.90 -0.37 -0.04
CA ASP B 39 -19.26 -0.78 -1.40
C ASP B 39 -20.60 -0.19 -1.80
N SER B 40 -21.57 -0.22 -0.89
CA SER B 40 -22.89 0.34 -1.17
C SER B 40 -22.75 1.86 -1.42
N THR B 41 -22.00 2.56 -0.57
CA THR B 41 -21.78 3.99 -0.77
C THR B 41 -21.13 4.23 -2.13
N ALA B 42 -20.15 3.40 -2.48
CA ALA B 42 -19.46 3.59 -3.75
C ALA B 42 -20.42 3.40 -4.94
N ARG B 43 -21.27 2.37 -4.88
CA ARG B 43 -22.26 2.13 -5.95
C ARG B 43 -23.23 3.28 -6.11
N ASN B 44 -23.75 3.77 -5.00
CA ASN B 44 -24.62 4.93 -5.03
C ASN B 44 -23.92 6.16 -5.62
N ASN B 45 -22.61 6.09 -5.81
CA ASN B 45 -21.89 7.13 -6.55
C ASN B 45 -21.39 6.65 -7.91
N GLY B 46 -22.08 5.67 -8.48
CA GLY B 46 -21.78 5.18 -9.83
C GLY B 46 -20.41 4.56 -10.01
N LYS B 47 -19.90 3.91 -8.97
CA LYS B 47 -18.68 3.11 -9.04
C LYS B 47 -18.95 1.78 -8.39
N ILE B 48 -18.57 0.68 -9.03
CA ILE B 48 -18.65 -0.59 -8.35
C ILE B 48 -17.21 -1.01 -8.14
N PRO B 49 -16.71 -0.87 -6.92
CA PRO B 49 -15.32 -1.15 -6.75
C PRO B 49 -14.96 -2.54 -7.20
N ILE B 50 -13.77 -2.66 -7.80
CA ILE B 50 -13.19 -3.94 -8.17
C ILE B 50 -12.87 -4.73 -6.91
N PHE B 51 -12.38 -4.07 -5.87
CA PHE B 51 -12.08 -4.79 -4.64
C PHE B 51 -13.17 -4.47 -3.61
N ASP B 52 -13.55 -5.45 -2.81
CA ASP B 52 -14.56 -5.23 -1.81
C ASP B 52 -14.07 -4.30 -0.68
N GLU B 53 -15.01 -3.86 0.13
CA GLU B 53 -14.75 -2.84 1.12
C GLU B 53 -13.75 -3.35 2.14
N ASN B 54 -13.81 -4.62 2.48
CA ASN B 54 -12.89 -5.15 3.48
C ASN B 54 -11.48 -5.24 2.94
N SER B 55 -11.34 -5.58 1.67
CA SER B 55 -10.03 -5.62 1.06
C SER B 55 -9.42 -4.23 0.88
N ARG B 56 -10.24 -3.27 0.46
CA ARG B 56 -9.78 -1.88 0.29
C ARG B 56 -9.34 -1.28 1.61
N LEU B 57 -10.06 -1.59 2.71
CA LEU B 57 -9.72 -1.11 4.06
C LEU B 57 -8.37 -1.69 4.54
N ALA B 58 -8.21 -3.00 4.37
CA ALA B 58 -7.00 -3.69 4.81
C ALA B 58 -5.77 -3.22 4.08
N LEU B 59 -5.89 -2.99 2.78
CA LEU B 59 -4.77 -2.50 2.04
C LEU B 59 -4.40 -1.10 2.45
N ILE B 60 -5.37 -0.23 2.62
CA ILE B 60 -5.08 1.14 3.04
C ILE B 60 -4.35 1.17 4.42
N SER B 61 -4.71 0.22 5.29
CA SER B 61 -4.16 0.10 6.63
C SER B 61 -2.69 -0.27 6.63
N GLU B 62 -2.18 -0.77 5.48
CA GLU B 62 -0.80 -1.21 5.35
C GLU B 62 0.15 -0.10 4.97
N LEU B 63 -0.39 1.09 4.73
CA LEU B 63 0.47 2.23 4.36
C LEU B 63 1.11 2.91 5.53
N LYS B 64 2.40 3.22 5.37
CA LYS B 64 3.15 3.90 6.41
C LYS B 64 2.41 5.15 6.89
N VAL B 65 1.84 5.93 5.97
CA VAL B 65 1.28 7.23 6.40
C VAL B 65 -0.09 7.13 7.05
N VAL B 66 -0.68 5.92 7.08
CA VAL B 66 -2.01 5.74 7.64
C VAL B 66 -1.96 5.21 9.09
N ASP B 67 -2.50 5.98 10.04
CA ASP B 67 -2.44 5.58 11.45
C ASP B 67 -3.59 4.68 11.76
N ARG B 68 -4.77 5.02 11.25
CA ARG B 68 -5.97 4.20 11.46
C ARG B 68 -6.86 4.31 10.23
N ALA B 69 -7.52 3.22 9.89
CA ALA B 69 -8.47 3.23 8.80
C ALA B 69 -9.72 2.53 9.27
N ILE B 70 -10.88 3.08 8.90
CA ILE B 70 -12.18 2.55 9.27
C ILE B 70 -13.09 2.62 8.08
N LEU B 71 -14.14 1.81 8.08
CA LEU B 71 -15.16 1.94 7.05
C LEU B 71 -16.09 3.12 7.35
N GLY B 72 -16.60 3.76 6.31
CA GLY B 72 -17.68 4.73 6.45
C GLY B 72 -19.00 4.09 6.86
N HIS B 73 -20.00 4.95 7.00
CA HIS B 73 -21.38 4.54 7.31
C HIS B 73 -22.22 4.82 6.10
N GLU B 74 -22.83 3.78 5.55
CA GLU B 74 -23.83 3.94 4.48
C GLU B 74 -24.86 5.05 4.82
N GLY B 75 -24.84 6.11 4.01
CA GLY B 75 -25.85 7.17 4.03
C GLY B 75 -25.67 8.26 5.06
N ASP B 76 -24.55 8.25 5.78
CA ASP B 76 -24.45 8.98 7.06
C ASP B 76 -23.04 9.55 7.39
N MET B 77 -22.54 10.48 6.56
CA MET B 77 -21.21 11.07 6.82
C MET B 77 -21.23 11.90 8.12
N MET B 78 -22.38 12.47 8.44
CA MET B 78 -22.66 13.07 9.74
C MET B 78 -22.13 12.20 10.88
N LYS B 79 -22.50 10.93 10.89
CA LYS B 79 -22.13 10.08 12.01
C LYS B 79 -20.63 9.75 12.02
N THR B 80 -20.00 9.63 10.85
CA THR B 80 -18.59 9.33 10.84
C THR B 80 -17.83 10.48 11.53
N VAL B 81 -18.13 11.70 11.12
CA VAL B 81 -17.42 12.85 11.64
C VAL B 81 -17.69 12.99 13.16
N ILE B 82 -18.93 12.71 13.60
CA ILE B 82 -19.22 12.71 15.04
C ILE B 82 -18.41 11.68 15.78
N GLU B 83 -18.23 10.50 15.23
CA GLU B 83 -17.46 9.44 15.89
C GLU B 83 -15.93 9.67 15.83
N VAL B 84 -15.41 10.22 14.71
CA VAL B 84 -13.95 10.41 14.55
C VAL B 84 -13.42 11.68 15.30
N LYS B 85 -14.23 12.73 15.31
CA LYS B 85 -13.87 13.97 15.96
C LYS B 85 -12.57 14.57 15.44
N PRO B 86 -12.48 14.75 14.12
CA PRO B 86 -11.25 15.24 13.57
C PRO B 86 -11.09 16.71 13.92
N ASP B 87 -9.85 17.18 13.97
CA ASP B 87 -9.59 18.61 13.98
C ASP B 87 -9.63 19.15 12.57
N ILE B 88 -9.28 18.28 11.63
CA ILE B 88 -9.13 18.68 10.23
C ILE B 88 -9.71 17.60 9.31
N ILE B 89 -10.48 18.01 8.30
CA ILE B 89 -10.98 17.10 7.27
C ILE B 89 -10.35 17.56 5.96
N THR B 90 -9.76 16.61 5.23
CA THR B 90 -9.14 16.94 3.96
C THR B 90 -9.98 16.49 2.78
N LEU B 91 -10.10 17.37 1.78
CA LEU B 91 -10.84 17.06 0.55
C LEU B 91 -9.90 16.83 -0.60
N GLY B 92 -10.03 15.71 -1.29
CA GLY B 92 -9.23 15.46 -2.50
C GLY B 92 -9.51 16.55 -3.54
N TYR B 93 -8.54 16.78 -4.42
CA TYR B 93 -8.70 17.76 -5.52
C TYR B 93 -10.00 17.62 -6.34
N ASP B 94 -10.50 16.40 -6.53
CA ASP B 94 -11.69 16.20 -7.33
C ASP B 94 -12.95 15.81 -6.53
N GLN B 95 -12.93 15.85 -5.20
CA GLN B 95 -14.05 15.29 -4.45
C GLN B 95 -15.19 16.29 -4.49
N LYS B 96 -16.40 15.75 -4.64
CA LYS B 96 -17.57 16.59 -4.84
C LYS B 96 -18.20 17.05 -3.52
N PHE B 97 -17.56 18.02 -2.87
CA PHE B 97 -18.16 18.76 -1.76
C PHE B 97 -17.82 20.21 -1.96
N ASP B 98 -18.75 21.09 -1.59
CA ASP B 98 -18.44 22.51 -1.46
C ASP B 98 -17.89 22.73 -0.04
N GLU B 99 -16.68 23.29 0.09
CA GLU B 99 -16.11 23.60 1.42
C GLU B 99 -17.12 24.38 2.29
N ALA B 100 -17.86 25.32 1.70
CA ALA B 100 -18.80 26.14 2.47
C ALA B 100 -19.94 25.29 3.01
N GLU B 101 -20.60 24.58 2.12
CA GLU B 101 -21.69 23.70 2.50
C GLU B 101 -21.28 22.68 3.55
N LEU B 102 -20.12 22.05 3.34
CA LEU B 102 -19.66 21.02 4.26
C LEU B 102 -19.47 21.63 5.65
N GLN B 103 -18.89 22.83 5.67
CA GLN B 103 -18.58 23.57 6.90
C GLN B 103 -19.83 23.94 7.69
N SER B 104 -20.78 24.54 6.99
CA SER B 104 -22.02 24.92 7.64
C SER B 104 -22.74 23.66 8.13
N LYS B 105 -22.78 22.60 7.32
CA LYS B 105 -23.36 21.32 7.76
C LYS B 105 -22.72 20.84 9.06
N ILE B 106 -21.39 20.84 9.11
CA ILE B 106 -20.67 20.36 10.29
C ILE B 106 -20.92 21.30 11.49
N ASN B 107 -21.00 22.60 11.23
CA ASN B 107 -21.29 23.57 12.29
C ASN B 107 -22.70 23.40 12.86
N LYS B 108 -23.68 23.05 12.00
CA LYS B 108 -25.03 22.75 12.53
C LYS B 108 -24.97 21.60 13.52
N LEU B 109 -24.01 20.69 13.39
CA LEU B 109 -23.90 19.61 14.37
C LEU B 109 -23.14 20.05 15.61
N GLY B 110 -22.91 21.36 15.76
CA GLY B 110 -22.10 21.91 16.88
C GLY B 110 -20.64 21.44 16.90
N ILE B 111 -20.04 21.20 15.73
CA ILE B 111 -18.65 20.75 15.68
C ILE B 111 -17.86 21.82 14.94
N THR B 112 -16.66 22.12 15.39
CA THR B 112 -15.74 23.04 14.70
C THR B 112 -14.58 22.23 14.12
N VAL B 113 -14.39 22.33 12.80
CA VAL B 113 -13.37 21.58 12.07
C VAL B 113 -12.82 22.47 10.96
N LYS B 114 -11.54 22.33 10.69
CA LYS B 114 -10.92 23.00 9.56
C LYS B 114 -11.00 22.06 8.37
N ILE B 115 -11.42 22.61 7.23
CA ILE B 115 -11.58 21.87 5.98
C ILE B 115 -10.52 22.36 5.01
N VAL B 116 -9.73 21.42 4.48
CA VAL B 116 -8.63 21.78 3.59
C VAL B 116 -8.73 21.00 2.27
N ARG B 117 -8.59 21.70 1.14
CA ARG B 117 -8.58 21.02 -0.17
C ARG B 117 -7.16 20.63 -0.56
N ILE B 118 -6.93 19.36 -0.88
CA ILE B 118 -5.57 18.95 -1.26
C ILE B 118 -5.37 19.10 -2.79
N SER B 119 -4.17 19.44 -3.19
CA SER B 119 -3.79 19.58 -4.59
C SER B 119 -3.86 18.25 -5.37
N LYS B 120 -4.00 18.37 -6.68
CA LYS B 120 -3.88 17.23 -7.59
C LYS B 120 -2.42 16.78 -7.64
N TYR B 121 -2.17 15.47 -7.74
CA TYR B 121 -0.82 14.99 -7.83
C TYR B 121 -0.22 15.28 -9.21
N ASP B 122 1.02 15.73 -9.32
CA ASP B 122 1.53 15.81 -10.67
C ASP B 122 2.85 15.09 -10.94
S SO4 C . 3.79 -10.48 -8.70
O1 SO4 C . 3.03 -10.99 -9.85
O2 SO4 C . 5.21 -10.56 -9.04
O3 SO4 C . 3.49 -9.05 -8.50
O4 SO4 C . 3.43 -11.42 -7.63
P AMP D . -10.77 7.56 -4.84
O1P AMP D . -12.08 7.86 -4.09
O2P AMP D . -10.15 6.27 -4.48
O3P AMP D . -10.80 7.96 -6.29
O5' AMP D . -9.84 8.77 -4.35
C5' AMP D . -9.56 8.80 -2.93
C4' AMP D . -9.03 10.18 -2.51
O4' AMP D . -7.71 10.28 -3.12
C3' AMP D . -9.78 11.39 -2.99
O3' AMP D . -9.62 12.50 -2.06
C2' AMP D . -9.05 11.73 -4.29
O2' AMP D . -9.16 13.13 -4.75
C1' AMP D . -7.58 11.40 -3.95
N9 AMP D . -6.83 11.18 -5.22
C8 AMP D . -6.99 10.13 -6.08
N7 AMP D . -6.20 10.27 -7.18
C5 AMP D . -5.55 11.47 -7.02
C6 AMP D . -4.57 12.19 -7.80
N6 AMP D . -4.21 11.62 -8.98
N1 AMP D . -4.10 13.40 -7.36
C2 AMP D . -4.51 13.87 -6.15
N3 AMP D . -5.41 13.24 -5.36
C4 AMP D . -5.94 12.06 -5.74
S SO4 E . -23.07 0.98 8.59
O1 SO4 E . -23.09 -0.46 8.84
O2 SO4 E . -23.03 1.27 7.14
O3 SO4 E . -24.25 1.57 9.21
O4 SO4 E . -21.90 1.57 9.24
#